data_3M5D
#
_entry.id   3M5D
#
_cell.length_a   127.393
_cell.length_b   127.393
_cell.length_c   127.393
_cell.angle_alpha   90.000
_cell.angle_beta   90.000
_cell.angle_gamma   90.000
#
_symmetry.space_group_name_H-M   'I 21 3'
#
loop_
_entity.id
_entity.type
_entity.pdbx_description
1 polymer 'N-acetylornithine carbamoyltransferase'
2 non-polymer N~2~-acetyl-N~5~-(phosphonoacetyl)-L-ornithine
3 non-polymer 'SULFATE ION'
4 water water
#
_entity_poly.entity_id   1
_entity_poly.type   'polypeptide(L)'
_entity_poly.pdbx_seq_one_letter_code
;MGSSHHHHHHSSGLVPRGSHMSLKHFLNTQDWSRAELDALLTQAALFKRNKLGSELKGKSIALVFFNPSMRTRTSFELGA
FQLGGHAVVLQPGKDAWPIEFNLGTVMDGDTEEHIAEVARVLGRYVDLIGVRAFPKFVDWSKDREDQVLKSFAKYSPVPV
INMETITHPCQELAHALALQEHFGTPDLRGKKYVLTWTYHPKPLNTAVANSALTIATRMGMDVTLLCPTPDYILDERYMD
WAAQNVAESGGSLQVSHDIDSAYAGADVVYAKSWGALPFFGNWEPEKPIRDQYQHFIVDERKMALTNNGVFSHCLPLRRN
VRATDAVMDSPNCIAIDEAENRLHVQKAIMAALVGQSRP
;
_entity_poly.pdbx_strand_id   A
#
loop_
_chem_comp.id
_chem_comp.type
_chem_comp.name
_chem_comp.formula
PA9 non-polymer N~2~-acetyl-N~5~-(phosphonoacetyl)-L-ornithine 'C9 H17 N2 O7 P'
SO4 non-polymer 'SULFATE ION' 'O4 S -2'
#
# COMPACT_ATOMS: atom_id res chain seq x y z
N LEU A 23 22.16 -2.52 7.34
CA LEU A 23 20.84 -2.99 7.86
C LEU A 23 19.77 -2.86 6.77
N LYS A 24 19.09 -3.96 6.48
CA LYS A 24 18.05 -3.96 5.44
C LYS A 24 16.66 -3.73 6.03
N HIS A 25 15.89 -2.86 5.39
CA HIS A 25 14.52 -2.54 5.81
C HIS A 25 13.56 -2.89 4.69
N PHE A 26 12.26 -2.84 4.98
CA PHE A 26 11.26 -3.07 3.95
C PHE A 26 10.41 -1.80 3.94
N LEU A 27 10.91 -0.78 3.25
CA LEU A 27 10.23 0.49 3.18
C LEU A 27 9.48 0.67 1.85
N ASN A 28 10.00 0.07 0.79
CA ASN A 28 9.39 0.14 -0.53
C ASN A 28 9.92 -1.03 -1.38
N THR A 29 9.08 -1.60 -2.23
CA THR A 29 9.53 -2.71 -3.07
C THR A 29 10.58 -2.19 -4.06
N GLN A 30 10.46 -0.91 -4.42
CA GLN A 30 11.39 -0.28 -5.34
C GLN A 30 12.83 -0.37 -4.82
N ASP A 31 12.99 -0.52 -3.50
CA ASP A 31 14.33 -0.62 -2.90
C ASP A 31 14.91 -2.02 -3.05
N TRP A 32 14.08 -2.99 -3.40
CA TRP A 32 14.54 -4.37 -3.53
C TRP A 32 14.67 -4.80 -4.97
N SER A 33 15.60 -5.72 -5.22
CA SER A 33 15.81 -6.23 -6.57
C SER A 33 14.63 -7.10 -6.93
N ARG A 34 14.50 -7.40 -8.22
CA ARG A 34 13.40 -8.24 -8.68
C ARG A 34 13.51 -9.65 -8.09
N ALA A 35 14.74 -10.16 -8.01
CA ALA A 35 14.98 -11.50 -7.47
C ALA A 35 14.57 -11.59 -6.01
N GLU A 36 14.86 -10.56 -5.23
CA GLU A 36 14.50 -10.55 -3.81
C GLU A 36 12.99 -10.49 -3.66
N LEU A 37 12.32 -9.72 -4.52
CA LEU A 37 10.88 -9.61 -4.46
C LEU A 37 10.24 -10.95 -4.82
N ASP A 38 10.79 -11.62 -5.84
CA ASP A 38 10.27 -12.92 -6.26
C ASP A 38 10.42 -13.94 -5.13
N ALA A 39 11.52 -13.83 -4.39
CA ALA A 39 11.77 -14.73 -3.29
C ALA A 39 10.75 -14.48 -2.18
N LEU A 40 10.41 -13.22 -1.94
CA LEU A 40 9.43 -12.87 -0.91
C LEU A 40 8.08 -13.48 -1.28
N LEU A 41 7.66 -13.24 -2.52
CA LEU A 41 6.40 -13.77 -3.01
C LEU A 41 6.33 -15.28 -2.89
N THR A 42 7.43 -15.94 -3.21
CA THR A 42 7.50 -17.38 -3.12
C THR A 42 7.44 -17.87 -1.67
N GLN A 43 8.12 -17.16 -0.78
CA GLN A 43 8.11 -17.53 0.63
C GLN A 43 6.69 -17.31 1.18
N ALA A 44 5.99 -16.34 0.61
CA ALA A 44 4.63 -16.04 1.03
C ALA A 44 3.73 -17.21 0.64
N ALA A 45 3.96 -17.76 -0.55
CA ALA A 45 3.17 -18.89 -1.02
C ALA A 45 3.44 -20.09 -0.13
N LEU A 46 4.68 -20.24 0.29
CA LEU A 46 5.06 -21.35 1.15
C LEU A 46 4.36 -21.20 2.50
N PHE A 47 4.37 -19.99 3.05
CA PHE A 47 3.73 -19.73 4.33
C PHE A 47 2.21 -19.92 4.25
N LYS A 48 1.66 -19.71 3.07
CA LYS A 48 0.22 -19.87 2.89
C LYS A 48 -0.13 -21.36 2.95
N ARG A 49 0.85 -22.20 2.63
CA ARG A 49 0.63 -23.64 2.66
C ARG A 49 0.91 -24.22 4.04
N ASN A 50 1.86 -23.61 4.76
CA ASN A 50 2.23 -24.06 6.11
C ASN A 50 2.31 -22.83 7.01
N LYS A 51 1.16 -22.38 7.51
CA LYS A 51 1.12 -21.18 8.32
C LYS A 51 1.91 -21.18 9.64
N LEU A 52 2.01 -22.32 10.31
CA LEU A 52 2.75 -22.37 11.57
C LEU A 52 4.24 -22.60 11.33
N GLY A 53 5.07 -21.86 12.06
CA GLY A 53 6.51 -22.01 11.91
C GLY A 53 7.25 -21.46 13.11
N SER A 54 8.57 -21.38 13.00
CA SER A 54 9.38 -20.89 14.11
C SER A 54 10.39 -19.82 13.70
N GLU A 55 10.15 -19.17 12.57
CA GLU A 55 11.06 -18.11 12.10
C GLU A 55 11.17 -16.93 13.06
N LEU A 56 10.15 -16.74 13.90
CA LEU A 56 10.17 -15.63 14.85
C LEU A 56 10.07 -16.13 16.31
N LYS A 57 10.45 -17.38 16.53
CA LYS A 57 10.37 -17.94 17.88
C LYS A 57 11.13 -17.10 18.90
N GLY A 58 10.42 -16.63 19.91
CA GLY A 58 11.03 -15.82 20.93
C GLY A 58 11.32 -14.39 20.51
N LYS A 59 10.95 -14.04 19.28
CA LYS A 59 11.20 -12.68 18.79
C LYS A 59 9.94 -11.83 18.82
N SER A 60 10.09 -10.53 18.64
CA SER A 60 8.92 -9.64 18.69
C SER A 60 8.98 -8.50 17.69
N ILE A 61 7.83 -7.89 17.45
CA ILE A 61 7.71 -6.75 16.55
C ILE A 61 6.80 -5.70 17.18
N ALA A 62 7.20 -4.44 17.06
CA ALA A 62 6.38 -3.36 17.59
C ALA A 62 5.61 -2.81 16.39
N LEU A 63 4.29 -2.86 16.48
CA LEU A 63 3.42 -2.33 15.42
C LEU A 63 2.97 -0.97 15.89
N VAL A 64 3.61 0.09 15.37
CA VAL A 64 3.30 1.45 15.76
C VAL A 64 2.30 2.09 14.79
N PHE A 65 1.08 2.28 15.28
CA PHE A 65 0.01 2.85 14.47
C PHE A 65 -0.35 4.29 14.79
N PHE A 66 -0.15 5.16 13.80
CA PHE A 66 -0.50 6.57 13.95
C PHE A 66 -1.87 6.80 13.30
N ASN A 67 -2.42 5.76 12.68
CA ASN A 67 -3.71 5.84 12.01
C ASN A 67 -4.50 4.55 12.21
N PRO A 68 -5.81 4.55 11.90
CA PRO A 68 -6.63 3.35 12.05
C PRO A 68 -6.16 2.18 11.18
N SER A 69 -6.60 0.98 11.55
CA SER A 69 -6.25 -0.21 10.80
C SER A 69 -6.96 -1.44 11.34
N MET A 70 -7.39 -2.33 10.44
CA MET A 70 -8.05 -3.58 10.83
C MET A 70 -7.24 -4.74 10.30
N ARG A 71 -7.08 -4.79 8.98
CA ARG A 71 -6.33 -5.86 8.32
C ARG A 71 -4.85 -5.89 8.71
N THR A 72 -4.20 -4.74 8.60
CA THR A 72 -2.77 -4.64 8.91
C THR A 72 -2.48 -5.06 10.35
N ARG A 73 -3.20 -4.47 11.30
CA ARG A 73 -3.00 -4.80 12.71
C ARG A 73 -3.23 -6.29 12.95
N THR A 74 -4.39 -6.78 12.52
CA THR A 74 -4.75 -8.18 12.69
C THR A 74 -3.79 -9.14 12.00
N SER A 75 -3.45 -8.86 10.75
CA SER A 75 -2.57 -9.74 9.98
C SER A 75 -1.14 -9.77 10.53
N PHE A 76 -0.62 -8.62 10.96
CA PHE A 76 0.73 -8.60 11.51
C PHE A 76 0.76 -9.26 12.88
N GLU A 77 -0.27 -9.00 13.70
CA GLU A 77 -0.31 -9.59 15.04
C GLU A 77 -0.37 -11.11 14.98
N LEU A 78 -1.25 -11.62 14.13
CA LEU A 78 -1.42 -13.06 13.94
C LEU A 78 -0.20 -13.68 13.27
N GLY A 79 0.40 -12.96 12.33
CA GLY A 79 1.57 -13.46 11.64
C GLY A 79 2.70 -13.73 12.61
N ALA A 80 2.92 -12.79 13.53
CA ALA A 80 3.96 -12.91 14.53
C ALA A 80 3.69 -14.13 15.40
N PHE A 81 2.44 -14.24 15.84
CA PHE A 81 2.02 -15.35 16.68
C PHE A 81 2.26 -16.70 16.02
N GLN A 82 1.81 -16.84 14.78
CA GLN A 82 1.96 -18.08 14.03
C GLN A 82 3.40 -18.49 13.79
N LEU A 83 4.33 -17.54 13.86
CA LEU A 83 5.74 -17.86 13.66
C LEU A 83 6.48 -17.93 14.99
N GLY A 84 5.72 -18.06 16.08
CA GLY A 84 6.30 -18.17 17.41
C GLY A 84 6.73 -16.87 18.04
N GLY A 85 6.38 -15.74 17.43
CA GLY A 85 6.76 -14.45 17.97
C GLY A 85 5.63 -13.73 18.69
N HIS A 86 5.83 -12.45 18.98
CA HIS A 86 4.80 -11.67 19.67
C HIS A 86 4.80 -10.25 19.15
N ALA A 87 3.62 -9.73 18.84
CA ALA A 87 3.51 -8.37 18.37
C ALA A 87 3.01 -7.45 19.48
N VAL A 88 3.66 -6.30 19.64
CA VAL A 88 3.20 -5.32 20.63
C VAL A 88 2.56 -4.19 19.83
N VAL A 89 1.28 -3.96 20.04
CA VAL A 89 0.56 -2.91 19.32
C VAL A 89 0.59 -1.59 20.08
N LEU A 90 1.14 -0.57 19.43
CA LEU A 90 1.27 0.75 20.03
C LEU A 90 0.58 1.83 19.20
N GLN A 91 -0.10 2.75 19.87
CA GLN A 91 -0.78 3.84 19.21
C GLN A 91 -0.42 5.15 19.90
N PRO A 92 0.66 5.80 19.43
CA PRO A 92 1.10 7.07 20.02
C PRO A 92 -0.06 8.06 20.11
N GLY A 93 -0.18 8.73 21.25
CA GLY A 93 -1.26 9.68 21.43
C GLY A 93 -2.53 9.06 21.99
N LYS A 94 -2.60 7.73 21.96
CA LYS A 94 -3.76 7.00 22.48
C LYS A 94 -3.34 6.26 23.74
N ASP A 95 -2.32 5.40 23.62
CA ASP A 95 -1.79 4.67 24.78
C ASP A 95 -0.33 5.07 24.99
N ALA A 96 0.43 5.14 23.90
CA ALA A 96 1.83 5.52 23.99
C ALA A 96 1.88 7.05 23.94
N TRP A 97 3.05 7.63 24.20
CA TRP A 97 3.22 9.07 24.19
C TRP A 97 3.36 9.64 22.78
N PRO A 98 2.82 10.85 22.55
CA PRO A 98 2.93 11.45 21.21
C PRO A 98 4.41 11.65 20.89
N ILE A 99 4.78 11.48 19.62
CA ILE A 99 6.17 11.58 19.20
C ILE A 99 6.53 12.75 18.29
N GLU A 100 7.73 13.29 18.51
CA GLU A 100 8.26 14.42 17.75
C GLU A 100 9.27 13.91 16.71
N PHE A 101 9.17 14.40 15.48
CA PHE A 101 10.08 13.95 14.43
C PHE A 101 11.07 14.99 13.92
N ASN A 102 10.85 16.27 14.23
CA ASN A 102 11.75 17.32 13.79
C ASN A 102 12.95 17.44 14.72
N LEU A 103 14.14 17.62 14.14
CA LEU A 103 15.37 17.75 14.93
C LEU A 103 15.73 19.20 15.21
N GLY A 104 16.34 19.45 16.36
CA GLY A 104 16.76 20.79 16.72
C GLY A 104 15.65 21.71 17.19
N THR A 105 14.44 21.16 17.29
CA THR A 105 13.30 21.96 17.74
C THR A 105 13.20 21.94 19.26
N VAL A 106 12.52 22.94 19.80
CA VAL A 106 12.32 23.05 21.23
C VAL A 106 10.99 22.35 21.51
N MET A 107 11.07 21.13 22.04
CA MET A 107 9.87 20.35 22.31
C MET A 107 9.02 20.87 23.46
N ASP A 108 8.32 21.97 23.22
CA ASP A 108 7.46 22.56 24.22
C ASP A 108 6.03 22.57 23.67
N GLY A 109 5.79 21.70 22.70
CA GLY A 109 4.47 21.59 22.10
C GLY A 109 3.69 20.39 22.61
N ASP A 110 3.00 19.70 21.69
CA ASP A 110 2.21 18.53 22.03
C ASP A 110 3.00 17.23 22.17
N THR A 111 4.10 17.11 21.43
CA THR A 111 4.93 15.91 21.48
C THR A 111 5.70 15.77 22.80
N GLU A 112 5.78 14.54 23.32
CA GLU A 112 6.47 14.25 24.59
C GLU A 112 7.91 13.75 24.45
N GLU A 113 8.17 12.96 23.42
CA GLU A 113 9.52 12.47 23.20
C GLU A 113 9.89 12.50 21.72
N HIS A 114 11.20 12.42 21.45
CA HIS A 114 11.69 12.45 20.09
C HIS A 114 11.82 11.04 19.52
N ILE A 115 11.63 10.92 18.21
CA ILE A 115 11.73 9.63 17.53
C ILE A 115 13.10 9.00 17.78
N ALA A 116 14.12 9.83 17.98
CA ALA A 116 15.46 9.32 18.26
C ALA A 116 15.45 8.37 19.47
N GLU A 117 14.82 8.81 20.56
CA GLU A 117 14.74 7.98 21.75
C GLU A 117 13.74 6.83 21.60
N VAL A 118 12.62 7.10 20.94
CA VAL A 118 11.60 6.08 20.72
C VAL A 118 12.12 4.90 19.90
N ALA A 119 12.78 5.19 18.79
CA ALA A 119 13.30 4.15 17.93
C ALA A 119 14.43 3.38 18.60
N ARG A 120 15.28 4.08 19.35
CA ARG A 120 16.39 3.44 20.04
C ARG A 120 15.89 2.58 21.20
N VAL A 121 14.91 3.08 21.95
CA VAL A 121 14.36 2.32 23.06
C VAL A 121 13.68 1.05 22.52
N LEU A 122 12.79 1.22 21.55
CA LEU A 122 12.10 0.08 20.94
C LEU A 122 13.10 -0.94 20.41
N GLY A 123 14.22 -0.44 19.89
CA GLY A 123 15.25 -1.31 19.36
C GLY A 123 15.92 -2.17 20.42
N ARG A 124 15.74 -1.79 21.69
CA ARG A 124 16.32 -2.54 22.79
C ARG A 124 15.32 -3.60 23.26
N TYR A 125 14.07 -3.47 22.83
CA TYR A 125 12.99 -4.39 23.21
C TYR A 125 12.63 -5.39 22.11
N VAL A 126 12.30 -4.88 20.92
CA VAL A 126 11.87 -5.73 19.82
C VAL A 126 12.90 -5.97 18.74
N ASP A 127 12.61 -6.98 17.91
CA ASP A 127 13.50 -7.36 16.82
C ASP A 127 13.11 -6.72 15.51
N LEU A 128 11.92 -6.13 15.47
CA LEU A 128 11.42 -5.49 14.26
C LEU A 128 10.45 -4.39 14.65
N ILE A 129 10.34 -3.39 13.80
CA ILE A 129 9.41 -2.30 14.04
C ILE A 129 8.57 -2.02 12.80
N GLY A 130 7.26 -2.03 12.96
CA GLY A 130 6.38 -1.73 11.85
C GLY A 130 5.83 -0.33 12.11
N VAL A 131 5.60 0.45 11.06
CA VAL A 131 5.07 1.77 11.26
C VAL A 131 4.07 2.21 10.21
N ARG A 132 2.95 2.73 10.70
CA ARG A 132 1.88 3.22 9.86
C ARG A 132 1.67 4.70 10.17
N ALA A 133 1.70 5.54 9.13
CA ALA A 133 1.50 6.96 9.32
C ALA A 133 1.09 7.65 8.03
N PHE A 134 -0.21 7.91 7.88
CA PHE A 134 -0.74 8.57 6.70
C PHE A 134 -0.34 10.03 6.66
N PRO A 135 -0.32 10.63 5.47
CA PRO A 135 0.04 12.05 5.36
C PRO A 135 -1.06 12.87 6.03
N LYS A 136 -0.79 14.13 6.33
CA LYS A 136 -1.79 14.99 6.97
C LYS A 136 -2.69 15.75 5.99
N PHE A 137 -2.46 15.60 4.70
CA PHE A 137 -3.25 16.25 3.66
C PHE A 137 -3.34 17.76 3.85
N VAL A 138 -2.19 18.41 4.00
CA VAL A 138 -2.16 19.86 4.18
C VAL A 138 -0.98 20.42 3.41
N ASP A 139 0.07 19.63 3.31
CA ASP A 139 1.29 20.04 2.63
C ASP A 139 1.94 18.83 1.98
N TRP A 140 1.48 18.46 0.78
CA TRP A 140 2.03 17.31 0.08
C TRP A 140 3.54 17.39 -0.02
N SER A 141 4.07 18.62 -0.02
CA SER A 141 5.51 18.82 -0.10
C SER A 141 6.16 18.21 1.13
N LYS A 142 5.52 18.38 2.28
CA LYS A 142 6.03 17.83 3.53
C LYS A 142 5.71 16.34 3.59
N ASP A 143 4.46 15.99 3.31
CA ASP A 143 4.02 14.59 3.34
C ASP A 143 4.86 13.69 2.45
N ARG A 144 5.11 14.14 1.22
CA ARG A 144 5.87 13.34 0.26
C ARG A 144 7.30 13.07 0.70
N GLU A 145 7.74 13.70 1.79
CA GLU A 145 9.09 13.45 2.27
C GLU A 145 9.16 12.15 3.07
N ASP A 146 8.01 11.63 3.47
CA ASP A 146 7.96 10.36 4.21
C ASP A 146 8.84 10.47 5.47
N GLN A 147 8.69 11.59 6.19
CA GLN A 147 9.46 11.87 7.39
C GLN A 147 9.39 10.81 8.50
N VAL A 148 8.18 10.40 8.86
CA VAL A 148 7.99 9.41 9.90
C VAL A 148 8.72 8.11 9.62
N LEU A 149 8.47 7.52 8.45
CA LEU A 149 9.12 6.27 8.06
C LEU A 149 10.64 6.43 7.99
N LYS A 150 11.10 7.52 7.38
CA LYS A 150 12.54 7.74 7.27
C LYS A 150 13.18 7.93 8.64
N SER A 151 12.48 8.60 9.55
CA SER A 151 13.01 8.81 10.90
C SER A 151 13.20 7.45 11.58
N PHE A 152 12.19 6.59 11.50
CA PHE A 152 12.32 5.27 12.12
C PHE A 152 13.49 4.50 11.52
N ALA A 153 13.58 4.50 10.20
CA ALA A 153 14.66 3.78 9.51
C ALA A 153 16.05 4.31 9.87
N LYS A 154 16.13 5.59 10.15
CA LYS A 154 17.41 6.21 10.50
C LYS A 154 17.88 5.91 11.93
N TYR A 155 16.97 6.03 12.88
CA TYR A 155 17.32 5.81 14.29
C TYR A 155 17.19 4.40 14.83
N SER A 156 16.40 3.56 14.18
CA SER A 156 16.22 2.19 14.66
C SER A 156 17.38 1.23 14.39
N PRO A 157 17.77 0.45 15.41
CA PRO A 157 18.86 -0.53 15.29
C PRO A 157 18.35 -1.86 14.73
N VAL A 158 17.04 -1.95 14.53
CA VAL A 158 16.43 -3.16 13.98
C VAL A 158 15.66 -2.83 12.69
N PRO A 159 15.40 -3.85 11.84
CA PRO A 159 14.69 -3.60 10.58
C PRO A 159 13.31 -2.96 10.77
N VAL A 160 13.01 -2.00 9.89
CA VAL A 160 11.75 -1.29 9.91
C VAL A 160 10.88 -1.70 8.72
N ILE A 161 9.59 -1.83 8.97
CA ILE A 161 8.63 -2.24 7.94
C ILE A 161 7.57 -1.17 7.74
N ASN A 162 7.35 -0.80 6.48
CA ASN A 162 6.36 0.19 6.12
C ASN A 162 4.99 -0.49 6.20
N MET A 163 4.12 0.00 7.08
CA MET A 163 2.79 -0.56 7.22
C MET A 163 1.81 0.42 6.58
N GLU A 164 2.38 1.27 5.73
CA GLU A 164 1.70 2.32 4.97
C GLU A 164 1.90 3.74 5.46
N THR A 165 2.52 4.55 4.61
CA THR A 165 2.75 5.96 4.86
C THR A 165 2.30 6.59 3.54
N ILE A 166 3.25 6.91 2.66
CA ILE A 166 2.88 7.49 1.36
C ILE A 166 2.92 6.40 0.27
N THR A 167 3.37 5.21 0.67
CA THR A 167 3.39 4.03 -0.22
C THR A 167 2.92 2.89 0.68
N HIS A 168 2.52 1.77 0.08
CA HIS A 168 2.02 0.64 0.85
C HIS A 168 2.58 -0.66 0.28
N PRO A 169 3.90 -0.88 0.41
CA PRO A 169 4.59 -2.07 -0.11
C PRO A 169 4.07 -3.44 0.33
N CYS A 170 3.51 -3.56 1.54
CA CYS A 170 2.98 -4.84 1.98
C CYS A 170 1.72 -5.14 1.15
N GLN A 171 0.97 -4.09 0.84
CA GLN A 171 -0.23 -4.23 0.03
C GLN A 171 0.18 -4.64 -1.39
N GLU A 172 1.28 -4.07 -1.89
CA GLU A 172 1.78 -4.39 -3.23
C GLU A 172 1.97 -5.88 -3.40
N LEU A 173 2.67 -6.51 -2.45
CA LEU A 173 2.95 -7.93 -2.52
C LEU A 173 1.69 -8.79 -2.39
N ALA A 174 0.78 -8.42 -1.49
CA ALA A 174 -0.46 -9.18 -1.30
C ALA A 174 -1.23 -9.14 -2.62
N HIS A 175 -1.22 -7.96 -3.23
CA HIS A 175 -1.90 -7.72 -4.50
C HIS A 175 -1.25 -8.57 -5.61
N ALA A 176 0.07 -8.50 -5.70
CA ALA A 176 0.80 -9.27 -6.70
C ALA A 176 0.58 -10.78 -6.55
N LEU A 177 0.61 -11.27 -5.32
CA LEU A 177 0.41 -12.70 -5.09
C LEU A 177 -1.01 -13.10 -5.51
N ALA A 178 -1.98 -12.26 -5.20
CA ALA A 178 -3.37 -12.53 -5.56
C ALA A 178 -3.52 -12.62 -7.08
N LEU A 179 -2.84 -11.74 -7.80
CA LEU A 179 -2.91 -11.75 -9.25
C LEU A 179 -2.23 -13.00 -9.81
N GLN A 180 -1.07 -13.36 -9.27
CA GLN A 180 -0.34 -14.52 -9.73
C GLN A 180 -1.17 -15.79 -9.51
N GLU A 181 -1.86 -15.86 -8.37
CA GLU A 181 -2.70 -17.02 -8.06
C GLU A 181 -3.90 -17.06 -8.99
N HIS A 182 -4.54 -15.90 -9.20
CA HIS A 182 -5.69 -15.84 -10.07
C HIS A 182 -5.37 -16.30 -11.49
N PHE A 183 -4.27 -15.80 -12.03
CA PHE A 183 -3.86 -16.16 -13.39
C PHE A 183 -3.09 -17.47 -13.51
N GLY A 184 -2.76 -18.09 -12.37
CA GLY A 184 -2.04 -19.36 -12.40
C GLY A 184 -0.59 -19.31 -12.82
N THR A 185 0.05 -18.16 -12.63
CA THR A 185 1.46 -18.01 -13.01
C THR A 185 2.12 -16.80 -12.37
N PRO A 186 3.42 -16.89 -12.09
CA PRO A 186 4.19 -15.80 -11.47
C PRO A 186 4.47 -14.67 -12.46
N ASP A 187 4.45 -15.00 -13.75
CA ASP A 187 4.72 -14.06 -14.81
C ASP A 187 3.44 -13.35 -15.28
N LEU A 188 3.34 -12.05 -14.99
CA LEU A 188 2.15 -11.28 -15.36
C LEU A 188 2.32 -10.41 -16.61
N ARG A 189 3.45 -10.54 -17.30
CA ARG A 189 3.67 -9.77 -18.51
C ARG A 189 2.59 -10.07 -19.55
N GLY A 190 2.12 -9.02 -20.23
CA GLY A 190 1.08 -9.22 -21.23
C GLY A 190 -0.31 -8.96 -20.71
N LYS A 191 -0.42 -8.68 -19.41
CA LYS A 191 -1.72 -8.40 -18.80
C LYS A 191 -2.03 -6.91 -18.84
N LYS A 192 -3.26 -6.56 -19.19
CA LYS A 192 -3.65 -5.17 -19.23
C LYS A 192 -4.14 -4.85 -17.84
N TYR A 193 -3.48 -3.89 -17.20
CA TYR A 193 -3.80 -3.51 -15.83
C TYR A 193 -4.33 -2.08 -15.78
N VAL A 194 -5.52 -1.93 -15.22
CA VAL A 194 -6.13 -0.61 -15.09
C VAL A 194 -6.19 -0.14 -13.65
N LEU A 195 -5.41 0.89 -13.33
CA LEU A 195 -5.43 1.47 -12.00
C LEU A 195 -6.42 2.62 -12.15
N THR A 196 -7.60 2.49 -11.56
CA THR A 196 -8.59 3.54 -11.68
C THR A 196 -8.87 4.33 -10.43
N TRP A 197 -8.99 5.64 -10.61
CA TRP A 197 -9.33 6.54 -9.51
C TRP A 197 -10.83 6.30 -9.29
N THR A 198 -11.29 6.50 -8.07
CA THR A 198 -12.69 6.31 -7.74
C THR A 198 -13.13 7.45 -6.81
N TYR A 199 -14.44 7.69 -6.73
CA TYR A 199 -14.96 8.78 -5.92
C TYR A 199 -15.10 8.63 -4.42
N HIS A 200 -14.99 9.76 -3.74
CA HIS A 200 -15.16 9.88 -2.30
C HIS A 200 -15.25 11.38 -1.99
N PRO A 201 -16.20 11.77 -1.12
CA PRO A 201 -16.35 13.19 -0.79
C PRO A 201 -15.10 13.85 -0.22
N LYS A 202 -14.31 13.08 0.51
CA LYS A 202 -13.08 13.61 1.11
C LYS A 202 -11.83 13.10 0.39
N PRO A 203 -10.77 13.91 0.36
CA PRO A 203 -9.51 13.51 -0.29
C PRO A 203 -8.79 12.46 0.54
N LEU A 204 -8.32 11.40 -0.12
CA LEU A 204 -7.62 10.34 0.57
C LEU A 204 -6.17 10.18 0.12
N ASN A 205 -5.44 9.37 0.89
CA ASN A 205 -4.02 9.09 0.65
C ASN A 205 -3.81 8.45 -0.72
N THR A 206 -2.74 8.86 -1.41
CA THR A 206 -2.41 8.30 -2.72
C THR A 206 -1.53 7.06 -2.56
N ALA A 207 -1.12 6.81 -1.32
CA ALA A 207 -0.27 5.66 -1.00
C ALA A 207 -0.57 4.38 -1.78
N VAL A 208 -1.79 3.88 -1.65
CA VAL A 208 -2.17 2.65 -2.35
C VAL A 208 -2.07 2.79 -3.87
N ALA A 209 -2.43 3.96 -4.40
CA ALA A 209 -2.35 4.19 -5.84
C ALA A 209 -0.89 4.21 -6.26
N ASN A 210 -0.05 4.89 -5.50
CA ASN A 210 1.37 4.97 -5.80
C ASN A 210 1.98 3.57 -5.80
N SER A 211 1.55 2.74 -4.84
CA SER A 211 2.06 1.38 -4.74
C SER A 211 1.61 0.47 -5.87
N ALA A 212 0.35 0.59 -6.27
CA ALA A 212 -0.19 -0.24 -7.34
C ALA A 212 0.54 0.05 -8.64
N LEU A 213 0.73 1.33 -8.92
CA LEU A 213 1.40 1.78 -10.12
C LEU A 213 2.82 1.20 -10.10
N THR A 214 3.45 1.24 -8.93
CA THR A 214 4.80 0.72 -8.77
C THR A 214 4.92 -0.79 -9.00
N ILE A 215 4.09 -1.57 -8.31
CA ILE A 215 4.15 -3.03 -8.44
C ILE A 215 3.61 -3.56 -9.77
N ALA A 216 2.58 -2.91 -10.32
CA ALA A 216 2.03 -3.37 -11.59
C ALA A 216 3.09 -3.26 -12.69
N THR A 217 3.85 -2.16 -12.68
CA THR A 217 4.88 -1.96 -13.68
C THR A 217 6.13 -2.78 -13.42
N ARG A 218 6.42 -3.05 -12.15
CA ARG A 218 7.60 -3.85 -11.79
C ARG A 218 7.36 -5.30 -12.21
N MET A 219 6.09 -5.68 -12.32
CA MET A 219 5.72 -7.03 -12.71
C MET A 219 5.63 -7.14 -14.25
N GLY A 220 5.82 -6.01 -14.92
CA GLY A 220 5.81 -5.99 -16.37
C GLY A 220 4.47 -5.99 -17.10
N MET A 221 3.40 -5.57 -16.43
CA MET A 221 2.09 -5.54 -17.06
C MET A 221 1.93 -4.27 -17.88
N ASP A 222 0.88 -4.21 -18.68
CA ASP A 222 0.59 -3.03 -19.49
C ASP A 222 -0.33 -2.18 -18.63
N VAL A 223 0.25 -1.14 -18.02
CA VAL A 223 -0.50 -0.29 -17.10
C VAL A 223 -1.10 0.99 -17.65
N THR A 224 -2.34 1.23 -17.26
CA THR A 224 -3.07 2.42 -17.64
C THR A 224 -3.57 3.06 -16.35
N LEU A 225 -3.17 4.30 -16.12
CA LEU A 225 -3.62 5.05 -14.95
C LEU A 225 -4.83 5.85 -15.39
N LEU A 226 -6.01 5.40 -14.99
CA LEU A 226 -7.26 6.05 -15.37
C LEU A 226 -7.74 6.99 -14.27
N CYS A 227 -7.78 8.30 -14.58
CA CYS A 227 -8.22 9.30 -13.63
C CYS A 227 -9.00 10.41 -14.35
N PRO A 228 -9.87 11.14 -13.64
CA PRO A 228 -10.68 12.22 -14.22
C PRO A 228 -9.97 13.32 -15.02
N THR A 229 -8.86 13.83 -14.50
CA THR A 229 -8.12 14.90 -15.19
C THR A 229 -6.63 14.82 -14.87
N PRO A 230 -5.82 15.62 -15.57
CA PRO A 230 -4.37 15.64 -15.34
C PRO A 230 -4.02 16.03 -13.89
N ASP A 231 -4.96 16.70 -13.23
CA ASP A 231 -4.74 17.10 -11.85
C ASP A 231 -4.69 15.92 -10.90
N TYR A 232 -5.25 14.78 -11.33
CA TYR A 232 -5.25 13.59 -10.50
C TYR A 232 -4.11 12.63 -10.80
N ILE A 233 -3.17 13.06 -11.62
CA ILE A 233 -2.02 12.23 -11.94
C ILE A 233 -1.18 12.11 -10.66
N LEU A 234 -0.57 10.94 -10.46
CA LEU A 234 0.22 10.71 -9.26
C LEU A 234 1.55 11.44 -9.27
N ASP A 235 2.12 11.63 -8.08
CA ASP A 235 3.39 12.34 -7.94
C ASP A 235 4.40 11.84 -8.96
N GLU A 236 5.25 12.74 -9.43
CA GLU A 236 6.26 12.40 -10.42
C GLU A 236 7.22 11.31 -9.94
N ARG A 237 7.41 11.23 -8.64
CA ARG A 237 8.31 10.21 -8.09
C ARG A 237 7.86 8.82 -8.52
N TYR A 238 6.56 8.57 -8.43
CA TYR A 238 6.01 7.27 -8.79
C TYR A 238 5.80 7.08 -10.29
N MET A 239 5.58 8.18 -11.02
CA MET A 239 5.42 8.07 -12.46
C MET A 239 6.80 7.68 -13.00
N ASP A 240 7.84 8.16 -12.34
CA ASP A 240 9.20 7.86 -12.74
C ASP A 240 9.60 6.44 -12.38
N TRP A 241 9.21 5.97 -11.19
CA TRP A 241 9.53 4.61 -10.79
C TRP A 241 8.89 3.68 -11.82
N ALA A 242 7.67 4.01 -12.21
CA ALA A 242 6.93 3.22 -13.18
C ALA A 242 7.66 3.14 -14.52
N ALA A 243 8.02 4.31 -15.06
CA ALA A 243 8.71 4.36 -16.35
C ALA A 243 9.97 3.52 -16.26
N GLN A 244 10.72 3.67 -15.18
CA GLN A 244 11.95 2.91 -14.99
C GLN A 244 11.62 1.42 -14.92
N ASN A 245 10.53 1.08 -14.25
CA ASN A 245 10.13 -0.32 -14.12
C ASN A 245 9.68 -0.91 -15.45
N VAL A 246 9.02 -0.09 -16.27
CA VAL A 246 8.54 -0.55 -17.57
C VAL A 246 9.74 -0.91 -18.46
N ALA A 247 10.78 -0.09 -18.40
CA ALA A 247 11.98 -0.33 -19.21
C ALA A 247 12.67 -1.62 -18.74
N GLU A 248 12.57 -1.87 -17.44
CA GLU A 248 13.18 -3.04 -16.82
C GLU A 248 12.39 -4.34 -16.99
N SER A 249 11.07 -4.25 -16.83
CA SER A 249 10.22 -5.43 -16.89
C SER A 249 9.56 -5.74 -18.23
N GLY A 250 9.55 -4.78 -19.15
CA GLY A 250 8.95 -5.02 -20.45
C GLY A 250 7.47 -4.69 -20.58
N GLY A 251 6.92 -3.97 -19.62
CA GLY A 251 5.52 -3.61 -19.69
C GLY A 251 5.33 -2.28 -20.39
N SER A 252 4.42 -1.46 -19.88
CA SER A 252 4.18 -0.15 -20.47
C SER A 252 3.32 0.68 -19.53
N LEU A 253 3.50 2.00 -19.60
CA LEU A 253 2.75 2.94 -18.77
C LEU A 253 1.92 3.85 -19.66
N GLN A 254 0.74 4.25 -19.19
CA GLN A 254 -0.15 5.08 -19.97
C GLN A 254 -1.11 5.82 -19.04
N VAL A 255 -1.48 7.05 -19.42
CA VAL A 255 -2.42 7.85 -18.62
C VAL A 255 -3.67 8.08 -19.45
N SER A 256 -4.84 7.94 -18.82
CA SER A 256 -6.10 8.13 -19.52
C SER A 256 -7.20 8.77 -18.67
N HIS A 257 -8.10 9.47 -19.35
CA HIS A 257 -9.21 10.13 -18.70
C HIS A 257 -10.50 9.68 -19.40
N ASP A 258 -10.38 8.57 -20.12
CA ASP A 258 -11.52 8.00 -20.83
C ASP A 258 -11.80 6.60 -20.31
N ILE A 259 -12.88 6.46 -19.55
CA ILE A 259 -13.27 5.20 -18.95
C ILE A 259 -13.36 4.00 -19.89
N ASP A 260 -14.26 4.09 -20.88
CA ASP A 260 -14.46 2.99 -21.82
C ASP A 260 -13.23 2.41 -22.50
N SER A 261 -12.36 3.26 -23.04
CA SER A 261 -11.16 2.76 -23.72
C SER A 261 -10.17 2.19 -22.71
N ALA A 262 -10.30 2.58 -21.45
CA ALA A 262 -9.42 2.10 -20.39
C ALA A 262 -9.81 0.68 -20.00
N TYR A 263 -11.08 0.48 -19.66
CA TYR A 263 -11.58 -0.83 -19.26
C TYR A 263 -11.53 -1.90 -20.36
N ALA A 264 -11.85 -1.49 -21.59
CA ALA A 264 -11.86 -2.39 -22.74
C ALA A 264 -10.72 -3.40 -22.77
N GLY A 265 -11.07 -4.69 -22.68
CA GLY A 265 -10.08 -5.75 -22.73
C GLY A 265 -9.14 -5.86 -21.55
N ALA A 266 -9.40 -5.12 -20.47
CA ALA A 266 -8.53 -5.16 -19.32
C ALA A 266 -8.63 -6.50 -18.58
N ASP A 267 -7.51 -6.94 -18.02
CA ASP A 267 -7.47 -8.20 -17.28
C ASP A 267 -7.61 -7.93 -15.78
N VAL A 268 -7.15 -6.76 -15.35
CA VAL A 268 -7.22 -6.38 -13.94
C VAL A 268 -7.67 -4.94 -13.78
N VAL A 269 -8.58 -4.71 -12.85
CA VAL A 269 -9.06 -3.37 -12.55
C VAL A 269 -8.88 -3.17 -11.05
N TYR A 270 -8.04 -2.20 -10.69
CA TYR A 270 -7.77 -1.90 -9.28
C TYR A 270 -8.21 -0.47 -9.00
N ALA A 271 -9.16 -0.31 -8.08
CA ALA A 271 -9.68 1.01 -7.75
C ALA A 271 -9.08 1.56 -6.46
N LYS A 272 -9.20 2.87 -6.31
CA LYS A 272 -8.69 3.57 -5.14
C LYS A 272 -9.07 5.03 -5.31
N SER A 273 -9.39 5.69 -4.20
CA SER A 273 -9.76 7.09 -4.25
C SER A 273 -8.65 7.89 -3.61
N TRP A 274 -8.32 9.03 -4.22
CA TRP A 274 -7.28 9.89 -3.69
C TRP A 274 -7.56 11.35 -4.07
N GLY A 275 -7.09 12.26 -3.23
CA GLY A 275 -7.28 13.67 -3.51
C GLY A 275 -6.20 14.15 -4.46
N ALA A 276 -6.54 15.06 -5.35
CA ALA A 276 -5.59 15.60 -6.31
C ALA A 276 -4.43 16.25 -5.57
N LEU A 277 -3.21 15.81 -5.88
CA LEU A 277 -2.02 16.35 -5.23
C LEU A 277 -1.91 17.87 -5.25
N PRO A 278 -2.14 18.49 -6.43
CA PRO A 278 -2.06 19.96 -6.55
C PRO A 278 -2.98 20.75 -5.63
N PHE A 279 -3.88 20.07 -4.92
CA PHE A 279 -4.80 20.76 -4.02
C PHE A 279 -4.57 20.50 -2.54
N PHE A 280 -3.42 19.92 -2.20
CA PHE A 280 -3.10 19.64 -0.81
C PHE A 280 -3.05 20.93 -0.01
N GLY A 281 -3.89 21.03 1.02
CA GLY A 281 -3.92 22.23 1.84
C GLY A 281 -4.94 23.26 1.37
N ASN A 282 -5.69 22.90 0.34
CA ASN A 282 -6.72 23.77 -0.24
C ASN A 282 -7.75 22.90 -0.96
N TRP A 283 -8.51 22.15 -0.17
CA TRP A 283 -9.51 21.23 -0.72
C TRP A 283 -10.87 21.83 -1.07
N GLU A 284 -11.13 23.06 -0.63
CA GLU A 284 -12.41 23.69 -0.94
C GLU A 284 -12.75 23.69 -2.43
N PRO A 285 -11.81 24.15 -3.29
CA PRO A 285 -12.04 24.19 -4.74
C PRO A 285 -11.96 22.86 -5.49
N GLU A 286 -11.28 21.87 -4.92
CA GLU A 286 -11.16 20.57 -5.60
C GLU A 286 -12.37 19.68 -5.31
N LYS A 287 -13.21 20.10 -4.37
CA LYS A 287 -14.40 19.33 -4.03
C LYS A 287 -15.40 19.31 -5.19
N PRO A 288 -15.73 20.50 -5.74
CA PRO A 288 -16.67 20.55 -6.86
C PRO A 288 -16.11 19.84 -8.10
N ILE A 289 -14.79 19.64 -8.12
CA ILE A 289 -14.16 18.96 -9.24
C ILE A 289 -14.42 17.46 -9.15
N ARG A 290 -14.05 16.85 -8.02
CA ARG A 290 -14.25 15.41 -7.85
C ARG A 290 -15.73 15.04 -7.89
N ASP A 291 -16.58 15.93 -7.41
CA ASP A 291 -18.03 15.70 -7.37
C ASP A 291 -18.66 15.46 -8.74
N GLN A 292 -18.03 15.94 -9.80
CA GLN A 292 -18.58 15.72 -11.13
C GLN A 292 -18.02 14.44 -11.75
N TYR A 293 -17.29 13.66 -10.95
CA TYR A 293 -16.70 12.42 -11.43
C TYR A 293 -17.07 11.18 -10.61
N GLN A 294 -18.18 11.25 -9.89
CA GLN A 294 -18.59 10.11 -9.09
C GLN A 294 -19.07 8.96 -9.98
N HIS A 295 -19.11 9.20 -11.29
CA HIS A 295 -19.52 8.15 -12.22
C HIS A 295 -18.33 7.23 -12.51
N PHE A 296 -17.21 7.50 -11.84
CA PHE A 296 -16.01 6.67 -12.00
C PHE A 296 -16.15 5.40 -11.15
N ILE A 297 -17.26 5.31 -10.43
CA ILE A 297 -17.53 4.18 -9.57
C ILE A 297 -17.44 2.89 -10.40
N VAL A 298 -16.78 1.87 -9.84
CA VAL A 298 -16.64 0.61 -10.55
C VAL A 298 -17.98 -0.12 -10.51
N ASP A 299 -18.57 -0.32 -11.67
CA ASP A 299 -19.87 -0.99 -11.79
C ASP A 299 -19.82 -2.10 -12.82
N GLU A 300 -20.93 -2.84 -12.93
CA GLU A 300 -21.04 -3.95 -13.87
C GLU A 300 -20.83 -3.51 -15.32
N ARG A 301 -21.38 -2.36 -15.68
CA ARG A 301 -21.22 -1.87 -17.05
C ARG A 301 -19.75 -1.75 -17.41
N LYS A 302 -18.96 -1.17 -16.51
CA LYS A 302 -17.55 -1.01 -16.75
C LYS A 302 -16.82 -2.36 -16.78
N MET A 303 -17.07 -3.20 -15.79
CA MET A 303 -16.43 -4.51 -15.72
C MET A 303 -16.81 -5.40 -16.91
N ALA A 304 -18.01 -5.22 -17.44
CA ALA A 304 -18.47 -6.00 -18.58
C ALA A 304 -17.61 -5.70 -19.82
N LEU A 305 -17.00 -4.52 -19.83
CA LEU A 305 -16.14 -4.11 -20.94
C LEU A 305 -14.78 -4.81 -20.91
N THR A 306 -14.39 -5.31 -19.75
CA THR A 306 -13.09 -5.96 -19.62
C THR A 306 -13.07 -7.36 -20.19
N ASN A 307 -11.87 -7.93 -20.29
CA ASN A 307 -11.69 -9.28 -20.77
C ASN A 307 -11.91 -10.22 -19.59
N ASN A 308 -13.14 -10.24 -19.10
CA ASN A 308 -13.51 -11.06 -17.95
C ASN A 308 -12.50 -10.75 -16.85
N GLY A 309 -12.14 -9.47 -16.76
CA GLY A 309 -11.17 -9.01 -15.80
C GLY A 309 -11.54 -9.17 -14.34
N VAL A 310 -10.51 -9.25 -13.51
CA VAL A 310 -10.71 -9.39 -12.09
C VAL A 310 -10.71 -8.00 -11.47
N PHE A 311 -11.45 -7.82 -10.39
CA PHE A 311 -11.50 -6.54 -9.71
C PHE A 311 -11.01 -6.72 -8.28
N SER A 312 -10.35 -5.70 -7.76
CA SER A 312 -9.86 -5.75 -6.40
C SER A 312 -9.69 -4.35 -5.81
N HIS A 313 -9.61 -4.29 -4.49
CA HIS A 313 -9.44 -3.03 -3.77
C HIS A 313 -8.70 -3.40 -2.48
N CYS A 314 -7.94 -2.47 -1.93
CA CYS A 314 -7.17 -2.72 -0.72
C CYS A 314 -8.03 -2.80 0.55
N LEU A 315 -9.19 -2.16 0.52
CA LEU A 315 -10.07 -2.11 1.68
C LEU A 315 -9.39 -1.20 2.72
N PRO A 316 -10.18 -0.56 3.60
CA PRO A 316 -11.65 -0.64 3.65
C PRO A 316 -12.29 -0.01 2.42
N LEU A 317 -13.43 -0.57 2.01
CA LEU A 317 -14.15 -0.08 0.84
C LEU A 317 -15.58 0.36 1.17
N ARG A 318 -15.92 1.58 0.76
CA ARG A 318 -17.27 2.11 0.98
C ARG A 318 -18.13 1.62 -0.17
N ARG A 319 -19.07 0.74 0.13
CA ARG A 319 -19.96 0.18 -0.89
C ARG A 319 -20.86 1.21 -1.57
N ASN A 320 -21.06 1.01 -2.87
CA ASN A 320 -21.89 1.91 -3.69
C ASN A 320 -21.34 3.32 -3.74
N VAL A 321 -20.02 3.42 -3.54
CA VAL A 321 -19.32 4.70 -3.61
C VAL A 321 -18.08 4.43 -4.44
N ARG A 322 -17.22 3.56 -3.93
CA ARG A 322 -15.99 3.17 -4.62
C ARG A 322 -16.36 2.16 -5.70
N ALA A 323 -17.23 1.22 -5.32
CA ALA A 323 -17.70 0.17 -6.22
C ALA A 323 -19.10 -0.24 -5.78
N THR A 324 -19.90 -0.74 -6.71
CA THR A 324 -21.27 -1.16 -6.41
C THR A 324 -21.29 -2.51 -5.70
N ASP A 325 -22.42 -2.79 -5.03
CA ASP A 325 -22.61 -4.05 -4.32
C ASP A 325 -22.43 -5.24 -5.27
N ALA A 326 -22.99 -5.11 -6.47
CA ALA A 326 -22.91 -6.17 -7.47
C ALA A 326 -21.47 -6.56 -7.82
N VAL A 327 -20.60 -5.56 -7.98
CA VAL A 327 -19.20 -5.81 -8.32
C VAL A 327 -18.46 -6.48 -7.16
N MET A 328 -18.72 -6.02 -5.95
CA MET A 328 -18.07 -6.57 -4.76
C MET A 328 -18.45 -8.02 -4.51
N ASP A 329 -19.68 -8.38 -4.88
CA ASP A 329 -20.15 -9.75 -4.66
C ASP A 329 -19.95 -10.69 -5.84
N SER A 330 -19.44 -10.18 -6.95
CA SER A 330 -19.22 -11.02 -8.11
C SER A 330 -18.01 -11.93 -7.86
N PRO A 331 -17.97 -13.10 -8.51
CA PRO A 331 -16.87 -14.04 -8.34
C PRO A 331 -15.54 -13.49 -8.86
N ASN A 332 -15.60 -12.44 -9.66
CA ASN A 332 -14.40 -11.83 -10.20
C ASN A 332 -13.73 -10.85 -9.25
N CYS A 333 -14.35 -10.63 -8.09
CA CYS A 333 -13.77 -9.74 -7.09
C CYS A 333 -12.86 -10.57 -6.23
N ILE A 334 -11.58 -10.21 -6.19
CA ILE A 334 -10.60 -10.97 -5.41
C ILE A 334 -10.08 -10.15 -4.23
N ALA A 335 -10.87 -9.19 -3.79
CA ALA A 335 -10.47 -8.32 -2.68
C ALA A 335 -10.21 -9.11 -1.39
N ILE A 336 -11.06 -10.10 -1.13
CA ILE A 336 -10.91 -10.92 0.08
C ILE A 336 -9.63 -11.75 0.02
N ASP A 337 -9.29 -12.24 -1.17
CA ASP A 337 -8.08 -13.04 -1.34
C ASP A 337 -6.84 -12.16 -1.13
N GLU A 338 -6.90 -10.95 -1.67
CA GLU A 338 -5.79 -10.03 -1.54
C GLU A 338 -5.61 -9.67 -0.06
N ALA A 339 -6.71 -9.45 0.65
CA ALA A 339 -6.64 -9.11 2.06
C ALA A 339 -6.04 -10.28 2.84
N GLU A 340 -6.42 -11.50 2.49
CA GLU A 340 -5.88 -12.65 3.18
C GLU A 340 -4.36 -12.69 2.97
N ASN A 341 -3.94 -12.43 1.73
CA ASN A 341 -2.52 -12.45 1.41
C ASN A 341 -1.65 -11.47 2.19
N ARG A 342 -2.25 -10.43 2.76
CA ARG A 342 -1.48 -9.48 3.56
C ARG A 342 -0.79 -10.27 4.66
N LEU A 343 -1.53 -11.22 5.24
CA LEU A 343 -0.99 -12.06 6.30
C LEU A 343 0.24 -12.85 5.85
N HIS A 344 0.11 -13.52 4.70
CA HIS A 344 1.19 -14.35 4.17
C HIS A 344 2.43 -13.62 3.68
N VAL A 345 2.25 -12.50 2.97
CA VAL A 345 3.41 -11.77 2.46
C VAL A 345 4.14 -11.06 3.61
N GLN A 346 3.40 -10.62 4.62
CA GLN A 346 4.06 -9.95 5.74
C GLN A 346 4.89 -10.92 6.57
N LYS A 347 4.44 -12.17 6.65
CA LYS A 347 5.20 -13.17 7.39
C LYS A 347 6.51 -13.40 6.63
N ALA A 348 6.44 -13.39 5.30
CA ALA A 348 7.64 -13.56 4.48
C ALA A 348 8.59 -12.37 4.70
N ILE A 349 8.01 -11.17 4.79
CA ILE A 349 8.81 -9.98 5.02
C ILE A 349 9.50 -10.04 6.40
N MET A 350 8.74 -10.38 7.43
CA MET A 350 9.31 -10.47 8.77
C MET A 350 10.39 -11.55 8.83
N ALA A 351 10.15 -12.66 8.16
CA ALA A 351 11.12 -13.76 8.15
C ALA A 351 12.41 -13.37 7.44
N ALA A 352 12.29 -12.59 6.37
CA ALA A 352 13.46 -12.16 5.61
C ALA A 352 14.30 -11.12 6.36
N LEU A 353 13.63 -10.21 7.06
CA LEU A 353 14.34 -9.16 7.79
C LEU A 353 14.98 -9.62 9.10
N VAL A 354 14.36 -10.60 9.74
CA VAL A 354 14.87 -11.09 11.01
C VAL A 354 16.19 -11.84 10.87
CA PA9 B . -6.62 4.01 3.71
CB PA9 B . -6.56 2.50 3.42
CG PA9 B . -5.15 1.94 3.31
CD PA9 B . -5.18 0.53 2.72
C PA9 B . -6.03 4.82 2.55
O PA9 B . -4.79 4.79 2.39
OXT PA9 B . -6.81 5.45 1.81
C1 PA9 B . -8.63 5.42 4.34
O1 PA9 B . -7.98 6.33 4.86
P PA9 B . -6.26 -1.64 6.98
O1P PA9 B . -6.44 -0.05 7.01
O2P PA9 B . -4.97 -2.06 7.80
O3P PA9 B . -7.58 -2.34 7.58
N1 PA9 B . -8.05 4.32 3.85
C2 PA9 B . -10.15 5.42 4.21
N2 PA9 B . -5.84 -0.44 3.58
C3 PA9 B . -5.22 -1.24 4.45
O2 PA9 B . -4.00 -1.22 4.62
C4 PA9 B . -6.09 -2.18 5.25
S SO4 C . 0.77 -14.18 22.86
O1 SO4 C . 0.15 -15.04 21.84
O2 SO4 C . 0.05 -12.89 22.92
O3 SO4 C . 0.65 -14.84 24.20
O4 SO4 C . 2.18 -13.95 22.52
#